data_1M4W
#
_entry.id   1M4W
#
_cell.length_a   37.034
_cell.length_b   37.034
_cell.length_c   191.808
_cell.angle_alpha   90.00
_cell.angle_beta   90.00
_cell.angle_gamma   120.00
#
_symmetry.space_group_name_H-M   'P 61'
#
loop_
_entity.id
_entity.type
_entity.pdbx_description
1 polymer endoxylanase
2 branched alpha-D-mannopyranose-(1-6)-beta-D-mannopyranose-(1-4)-2-acetamido-2-deoxy-beta-D-glucopyranose-(1-4)-2-acetamido-2-deoxy-beta-D-glucopyranose
3 non-polymer 'ACETATE ION'
4 non-polymer GLYCEROL
5 water water
#
_entity_poly.entity_id   1
_entity_poly.type   'polypeptide(L)'
_entity_poly.pdbx_seq_one_letter_code
;DTTITQNQTGYDNGYFYSFWTDAPGTVSMTLHSGGSYSTSWRNTGNFVAGKGWSTGGRRTVTYNASFNPSGNAYLTLYGW
TRNPLVEYYIVESWGTYRPTGTYKGTVTTDGGTYDIYETWRYNAPSIEGTRTFQQFWSVRQQKRTSGTITIGNHFDAWAR
AGMNLGSHDYQIMATEGYQSSGSSTVSISEGGNPGNP
;
_entity_poly.pdbx_strand_id   A
#
loop_
_chem_comp.id
_chem_comp.type
_chem_comp.name
_chem_comp.formula
ACT non-polymer 'ACETATE ION' 'C2 H3 O2 -1'
BMA D-saccharide, beta linking beta-D-mannopyranose 'C6 H12 O6'
GOL non-polymer GLYCEROL 'C3 H8 O3'
MAN D-saccharide, alpha linking alpha-D-mannopyranose 'C6 H12 O6'
NAG D-saccharide, beta linking 2-acetamido-2-deoxy-beta-D-glucopyranose 'C8 H15 N O6'
#
# COMPACT_ATOMS: atom_id res chain seq x y z
N ASP A 1 -1.03 -18.05 -14.55
CA ASP A 1 -0.17 -17.41 -13.52
C ASP A 1 -0.38 -15.90 -13.45
N THR A 2 -0.29 -15.25 -14.61
CA THR A 2 -0.46 -13.80 -14.69
C THR A 2 -1.74 -13.26 -14.05
N THR A 3 -2.83 -14.02 -14.11
CA THR A 3 -4.09 -13.60 -13.50
C THR A 3 -4.25 -14.32 -12.18
N ILE A 4 -3.96 -13.61 -11.09
CA ILE A 4 -4.02 -14.17 -9.75
C ILE A 4 -5.37 -13.97 -9.09
N THR A 5 -5.88 -15.03 -8.46
CA THR A 5 -7.16 -15.00 -7.77
C THR A 5 -7.08 -15.71 -6.42
N GLN A 6 -5.90 -16.26 -6.12
CA GLN A 6 -5.67 -16.97 -4.86
C GLN A 6 -4.52 -16.30 -4.11
N ASN A 7 -4.53 -16.39 -2.77
CA ASN A 7 -3.46 -15.80 -1.98
C ASN A 7 -2.13 -16.24 -2.61
N GLN A 8 -1.29 -15.27 -2.94
CA GLN A 8 -0.03 -15.59 -3.58
C GLN A 8 0.92 -14.39 -3.54
N THR A 9 2.22 -14.69 -3.50
CA THR A 9 3.24 -13.66 -3.52
C THR A 9 4.33 -14.22 -4.43
N GLY A 10 5.27 -13.38 -4.84
CA GLY A 10 6.32 -13.86 -5.72
C GLY A 10 7.07 -12.72 -6.37
N TYR A 11 7.77 -13.03 -7.45
CA TYR A 11 8.54 -12.05 -8.17
C TYR A 11 8.18 -12.06 -9.65
N ASP A 12 8.03 -10.88 -10.23
CA ASP A 12 7.67 -10.74 -11.62
C ASP A 12 8.50 -9.63 -12.26
N ASN A 13 9.39 -9.99 -13.18
CA ASN A 13 10.23 -9.03 -13.87
C ASN A 13 11.09 -8.22 -12.90
N GLY A 14 11.50 -8.84 -11.81
CA GLY A 14 12.35 -8.14 -10.85
C GLY A 14 11.62 -7.55 -9.66
N TYR A 15 10.30 -7.41 -9.77
CA TYR A 15 9.51 -6.83 -8.69
C TYR A 15 8.78 -7.88 -7.85
N PHE A 16 8.79 -7.68 -6.54
CA PHE A 16 8.08 -8.57 -5.64
C PHE A 16 6.60 -8.21 -5.81
N TYR A 17 5.71 -9.18 -5.61
CA TYR A 17 4.29 -8.90 -5.72
C TYR A 17 3.56 -9.72 -4.68
N SER A 18 2.43 -9.21 -4.23
CA SER A 18 1.62 -9.89 -3.22
C SER A 18 0.15 -9.74 -3.52
N PHE A 19 -0.59 -10.82 -3.27
CA PHE A 19 -2.03 -10.80 -3.48
C PHE A 19 -2.68 -11.52 -2.31
N TRP A 20 -3.67 -10.88 -1.70
CA TRP A 20 -4.37 -11.47 -0.57
C TRP A 20 -5.79 -10.95 -0.54
N THR A 21 -6.73 -11.83 -0.22
CA THR A 21 -8.13 -11.46 -0.12
C THR A 21 -8.86 -12.45 0.77
N ASP A 22 -9.90 -11.99 1.47
CA ASP A 22 -10.70 -12.87 2.31
C ASP A 22 -12.01 -13.15 1.58
N ALA A 23 -12.06 -12.78 0.30
CA ALA A 23 -13.27 -12.98 -0.50
C ALA A 23 -13.00 -13.59 -1.88
N PRO A 24 -12.78 -14.90 -1.95
CA PRO A 24 -12.50 -15.64 -3.18
C PRO A 24 -13.53 -15.39 -4.28
N GLY A 25 -13.05 -15.17 -5.49
CA GLY A 25 -13.93 -14.95 -6.62
C GLY A 25 -14.45 -13.54 -6.80
N THR A 26 -14.08 -12.62 -5.92
CA THR A 26 -14.56 -11.25 -6.02
C THR A 26 -13.49 -10.28 -6.50
N VAL A 27 -12.27 -10.77 -6.71
CA VAL A 27 -11.18 -9.91 -7.15
C VAL A 27 -10.02 -10.68 -7.79
N SER A 28 -9.38 -10.05 -8.76
CA SER A 28 -8.24 -10.66 -9.44
C SER A 28 -7.16 -9.61 -9.68
N MET A 29 -5.94 -10.09 -9.84
CA MET A 29 -4.80 -9.22 -10.11
C MET A 29 -4.10 -9.76 -11.34
N THR A 30 -3.77 -8.89 -12.28
CA THR A 30 -3.08 -9.29 -13.49
C THR A 30 -1.69 -8.67 -13.54
N LEU A 31 -0.67 -9.51 -13.60
CA LEU A 31 0.71 -9.04 -13.64
C LEU A 31 1.15 -8.77 -15.08
N HIS A 32 1.65 -7.57 -15.33
CA HIS A 32 2.13 -7.18 -16.66
C HIS A 32 3.65 -7.08 -16.66
N SER A 33 4.21 -6.77 -17.83
CA SER A 33 5.65 -6.63 -17.96
C SER A 33 6.17 -5.46 -17.12
N GLY A 34 7.45 -5.49 -16.78
CA GLY A 34 8.02 -4.42 -15.98
C GLY A 34 7.47 -4.35 -14.57
N GLY A 35 7.15 -3.13 -14.12
CA GLY A 35 6.61 -2.96 -12.78
C GLY A 35 5.13 -2.62 -12.80
N SER A 36 4.41 -3.18 -13.78
CA SER A 36 2.98 -2.92 -13.91
C SER A 36 2.08 -4.11 -13.56
N TYR A 37 0.87 -3.79 -13.12
CA TYR A 37 -0.12 -4.80 -12.78
C TYR A 37 -1.48 -4.12 -12.79
N SER A 38 -2.55 -4.92 -12.82
CA SER A 38 -3.91 -4.40 -12.81
C SER A 38 -4.75 -5.18 -11.82
N THR A 39 -5.86 -4.59 -11.41
CA THR A 39 -6.79 -5.26 -10.50
C THR A 39 -8.19 -4.95 -10.97
N SER A 40 -9.10 -5.86 -10.64
CA SER A 40 -10.50 -5.70 -10.99
C SER A 40 -11.24 -6.41 -9.88
N TRP A 41 -12.20 -5.73 -9.27
CA TRP A 41 -12.96 -6.34 -8.19
C TRP A 41 -14.42 -5.88 -8.23
N ARG A 42 -15.29 -6.66 -7.60
CA ARG A 42 -16.71 -6.35 -7.57
C ARG A 42 -17.34 -6.85 -6.29
N ASN A 43 -17.95 -5.94 -5.54
CA ASN A 43 -18.61 -6.29 -4.29
C ASN A 43 -17.75 -7.28 -3.53
N THR A 44 -16.51 -6.88 -3.27
CA THR A 44 -15.56 -7.73 -2.59
C THR A 44 -15.65 -7.58 -1.08
N GLY A 45 -14.82 -8.34 -0.36
CA GLY A 45 -14.77 -8.24 1.08
C GLY A 45 -13.61 -7.28 1.32
N ASN A 46 -12.42 -7.83 1.52
CA ASN A 46 -11.21 -7.03 1.70
C ASN A 46 -10.09 -7.70 0.89
N PHE A 47 -9.19 -6.88 0.35
CA PHE A 47 -8.06 -7.40 -0.42
C PHE A 47 -6.99 -6.32 -0.53
N VAL A 48 -5.76 -6.76 -0.72
CA VAL A 48 -4.62 -5.88 -0.91
C VAL A 48 -3.73 -6.57 -1.92
N ALA A 49 -3.35 -5.86 -2.97
CA ALA A 49 -2.50 -6.42 -4.01
C ALA A 49 -1.63 -5.34 -4.62
N GLY A 50 -0.42 -5.72 -5.04
CA GLY A 50 0.47 -4.76 -5.64
C GLY A 50 1.87 -5.29 -5.87
N LYS A 51 2.68 -4.50 -6.57
CA LYS A 51 4.06 -4.85 -6.86
C LYS A 51 4.99 -3.95 -6.07
N GLY A 52 6.18 -4.45 -5.77
CA GLY A 52 7.14 -3.66 -5.03
C GLY A 52 8.39 -4.42 -4.64
N TRP A 53 8.67 -4.46 -3.35
CA TRP A 53 9.86 -5.12 -2.82
C TRP A 53 9.55 -5.98 -1.61
N SER A 54 10.30 -7.07 -1.42
CA SER A 54 10.09 -7.97 -0.29
C SER A 54 10.67 -7.43 1.03
N THR A 55 11.54 -6.44 0.91
CA THR A 55 12.14 -5.80 2.08
C THR A 55 12.03 -4.28 1.90
N GLY A 56 11.17 -3.66 2.69
CA GLY A 56 11.00 -2.21 2.59
C GLY A 56 12.23 -1.42 2.98
N GLY A 57 12.27 -0.17 2.51
CA GLY A 57 13.38 0.71 2.83
C GLY A 57 13.03 2.16 2.56
N ARG A 58 14.00 3.05 2.75
CA ARG A 58 13.76 4.47 2.51
C ARG A 58 13.92 4.74 1.01
N ARG A 59 13.14 4.04 0.20
CA ARG A 59 13.20 4.19 -1.26
C ARG A 59 12.47 5.43 -1.74
N THR A 60 12.89 5.92 -2.91
CA THR A 60 12.27 7.07 -3.56
C THR A 60 11.59 6.42 -4.76
N VAL A 61 10.27 6.27 -4.70
CA VAL A 61 9.55 5.60 -5.77
C VAL A 61 8.65 6.49 -6.60
N THR A 62 8.56 6.16 -7.89
CA THR A 62 7.73 6.88 -8.85
C THR A 62 6.68 5.91 -9.38
N TYR A 63 5.45 6.40 -9.48
CA TYR A 63 4.37 5.55 -9.96
C TYR A 63 3.41 6.34 -10.83
N ASN A 64 2.62 5.61 -11.62
CA ASN A 64 1.60 6.19 -12.48
C ASN A 64 0.46 5.20 -12.48
N ALA A 65 -0.77 5.67 -12.31
CA ALA A 65 -1.87 4.74 -12.28
C ALA A 65 -3.23 5.26 -12.69
N SER A 66 -4.09 4.31 -13.01
CA SER A 66 -5.47 4.57 -13.36
C SER A 66 -6.16 3.96 -12.14
N PHE A 67 -6.84 4.78 -11.36
CA PHE A 67 -7.50 4.31 -10.16
C PHE A 67 -8.98 4.64 -10.29
N ASN A 68 -9.80 3.60 -10.40
CA ASN A 68 -11.23 3.78 -10.56
C ASN A 68 -12.03 3.05 -9.50
N PRO A 69 -12.04 3.58 -8.28
CA PRO A 69 -12.79 2.94 -7.19
C PRO A 69 -14.28 3.28 -7.27
N SER A 70 -15.11 2.33 -6.86
CA SER A 70 -16.55 2.54 -6.84
C SER A 70 -16.88 2.14 -5.40
N GLY A 71 -16.62 3.06 -4.48
CA GLY A 71 -16.84 2.80 -3.07
C GLY A 71 -15.51 2.94 -2.34
N ASN A 72 -15.36 2.16 -1.27
CA ASN A 72 -14.16 2.19 -0.43
C ASN A 72 -12.97 1.42 -1.02
N ALA A 73 -11.90 2.15 -1.35
CA ALA A 73 -10.67 1.56 -1.89
C ALA A 73 -9.54 2.57 -1.76
N TYR A 74 -8.30 2.06 -1.75
CA TYR A 74 -7.11 2.90 -1.63
C TYR A 74 -6.06 2.65 -2.71
N LEU A 75 -5.34 3.71 -3.06
CA LEU A 75 -4.21 3.63 -4.00
C LEU A 75 -3.13 4.12 -3.04
N THR A 76 -2.31 3.21 -2.53
CA THR A 76 -1.32 3.58 -1.53
C THR A 76 -0.03 2.77 -1.48
N LEU A 77 1.03 3.42 -1.00
CA LEU A 77 2.30 2.73 -0.82
C LEU A 77 1.95 1.97 0.47
N TYR A 78 2.11 0.65 0.46
CA TYR A 78 1.73 -0.17 1.59
C TYR A 78 2.86 -1.10 2.05
N GLY A 79 2.97 -1.31 3.36
CA GLY A 79 4.03 -2.17 3.88
C GLY A 79 3.89 -2.65 5.31
N TRP A 80 4.79 -3.55 5.70
CA TRP A 80 4.79 -4.13 7.05
C TRP A 80 6.18 -4.12 7.70
N THR A 81 6.20 -4.07 9.03
CA THR A 81 7.44 -4.15 9.79
C THR A 81 7.13 -5.18 10.86
N ARG A 82 8.18 -5.75 11.46
CA ARG A 82 8.01 -6.73 12.52
C ARG A 82 8.71 -6.27 13.78
N ASN A 83 8.19 -6.69 14.92
CA ASN A 83 8.76 -6.35 16.21
C ASN A 83 9.25 -4.90 16.26
N PRO A 84 8.31 -3.94 16.39
CA PRO A 84 6.86 -4.20 16.48
C PRO A 84 6.19 -4.49 15.15
N LEU A 85 5.06 -5.19 15.22
CA LEU A 85 4.28 -5.51 14.03
C LEU A 85 3.49 -4.25 13.67
N VAL A 86 3.74 -3.74 12.47
CA VAL A 86 3.06 -2.53 12.00
C VAL A 86 2.68 -2.60 10.53
N GLU A 87 1.45 -2.18 10.23
CA GLU A 87 0.95 -2.13 8.85
C GLU A 87 0.91 -0.64 8.56
N TYR A 88 1.65 -0.19 7.54
CA TYR A 88 1.66 1.24 7.24
C TYR A 88 1.14 1.62 5.85
N TYR A 89 0.67 2.85 5.76
CA TYR A 89 0.10 3.38 4.52
C TYR A 89 0.56 4.79 4.16
N ILE A 90 0.79 5.01 2.88
CA ILE A 90 1.11 6.33 2.35
C ILE A 90 0.04 6.38 1.26
N VAL A 91 -1.12 6.90 1.64
CA VAL A 91 -2.29 6.99 0.78
C VAL A 91 -2.27 8.15 -0.21
N GLU A 92 -2.24 7.81 -1.51
CA GLU A 92 -2.20 8.80 -2.58
C GLU A 92 -3.60 9.18 -3.07
N SER A 93 -4.52 8.22 -3.05
CA SER A 93 -5.89 8.46 -3.47
C SER A 93 -6.80 7.45 -2.78
N TRP A 94 -8.08 7.75 -2.72
CA TRP A 94 -9.06 6.87 -2.07
C TRP A 94 -10.43 7.04 -2.71
N GLY A 95 -11.34 6.14 -2.37
CA GLY A 95 -12.68 6.21 -2.92
C GLY A 95 -13.61 7.04 -2.05
N THR A 96 -14.67 6.41 -1.54
CA THR A 96 -15.66 7.10 -0.71
C THR A 96 -15.25 7.32 0.75
N TYR A 97 -14.35 6.49 1.27
CA TYR A 97 -13.91 6.65 2.65
C TYR A 97 -12.47 7.15 2.75
N ARG A 98 -12.27 8.21 3.51
CA ARG A 98 -10.93 8.74 3.69
C ARG A 98 -10.44 8.27 5.05
N PRO A 99 -9.28 7.59 5.10
CA PRO A 99 -8.72 7.11 6.35
C PRO A 99 -8.67 8.24 7.38
N THR A 100 -9.03 7.94 8.62
CA THR A 100 -9.01 8.95 9.68
C THR A 100 -8.74 8.31 11.04
N GLY A 101 -8.69 9.15 12.07
CA GLY A 101 -8.43 8.68 13.41
C GLY A 101 -7.65 9.74 14.18
N THR A 102 -6.86 9.30 15.16
CA THR A 102 -6.08 10.22 15.96
C THR A 102 -5.05 10.98 15.13
N TYR A 103 -5.26 12.29 15.04
CA TYR A 103 -4.40 13.21 14.28
C TYR A 103 -3.05 13.33 15.00
N LYS A 104 -1.97 13.07 14.26
CA LYS A 104 -0.62 13.13 14.84
C LYS A 104 0.19 14.29 14.24
N GLY A 105 -0.43 15.03 13.34
CA GLY A 105 0.26 16.15 12.72
C GLY A 105 0.31 15.95 11.21
N THR A 106 1.25 16.61 10.56
CA THR A 106 1.38 16.51 9.11
C THR A 106 2.83 16.44 8.65
N VAL A 107 3.00 16.08 7.38
CA VAL A 107 4.31 15.99 6.76
C VAL A 107 4.18 16.50 5.33
N THR A 108 5.07 17.40 4.94
CA THR A 108 5.06 17.96 3.59
C THR A 108 6.19 17.31 2.81
N THR A 109 5.85 16.69 1.69
CA THR A 109 6.85 16.04 0.85
C THR A 109 6.28 15.76 -0.54
N ASP A 110 7.14 15.82 -1.54
CA ASP A 110 6.76 15.56 -2.92
C ASP A 110 5.58 16.41 -3.41
N GLY A 111 5.68 17.72 -3.21
CA GLY A 111 4.64 18.65 -3.66
C GLY A 111 3.27 18.57 -3.01
N GLY A 112 3.16 17.90 -1.88
CA GLY A 112 1.88 17.80 -1.21
C GLY A 112 2.02 17.71 0.29
N THR A 113 0.89 17.77 0.99
CA THR A 113 0.90 17.66 2.44
C THR A 113 0.04 16.45 2.78
N TYR A 114 0.47 15.68 3.76
CA TYR A 114 -0.26 14.49 4.19
C TYR A 114 -0.64 14.61 5.65
N ASP A 115 -1.85 14.15 5.99
CA ASP A 115 -2.28 14.15 7.38
C ASP A 115 -1.74 12.84 7.95
N ILE A 116 -1.32 12.86 9.21
CA ILE A 116 -0.78 11.67 9.84
C ILE A 116 -1.74 11.14 10.91
N TYR A 117 -2.11 9.87 10.78
CA TYR A 117 -3.00 9.25 11.76
C TYR A 117 -2.41 7.94 12.24
N GLU A 118 -2.81 7.52 13.43
CA GLU A 118 -2.38 6.26 13.99
C GLU A 118 -3.64 5.60 14.53
N THR A 119 -3.86 4.33 14.18
CA THR A 119 -5.03 3.59 14.62
C THR A 119 -4.64 2.17 14.99
N TRP A 120 -5.59 1.43 15.55
CA TRP A 120 -5.38 0.04 15.91
C TRP A 120 -6.25 -0.84 15.03
N ARG A 121 -5.75 -2.04 14.73
CA ARG A 121 -6.48 -3.01 13.91
C ARG A 121 -6.56 -4.25 14.79
N TYR A 122 -7.77 -4.69 15.12
CA TYR A 122 -7.97 -5.83 16.01
C TYR A 122 -8.20 -7.19 15.38
N ASN A 123 -7.52 -8.19 15.95
CA ASN A 123 -7.66 -9.58 15.50
C ASN A 123 -7.88 -9.69 14.00
N ALA A 124 -6.96 -9.10 13.25
CA ALA A 124 -7.03 -9.08 11.80
C ALA A 124 -5.87 -9.86 11.18
N PRO A 125 -6.00 -10.24 9.90
CA PRO A 125 -4.94 -10.97 9.21
C PRO A 125 -3.69 -10.13 9.04
N SER A 126 -2.52 -10.74 9.19
CA SER A 126 -1.25 -10.03 9.06
C SER A 126 -0.17 -10.98 8.54
N ILE A 127 1.04 -10.47 8.32
CA ILE A 127 2.14 -11.29 7.84
C ILE A 127 2.55 -12.25 8.96
N GLU A 128 1.91 -12.11 10.12
CA GLU A 128 2.19 -12.98 11.24
C GLU A 128 0.91 -13.64 11.77
N GLY A 129 -0.04 -13.88 10.86
CA GLY A 129 -1.29 -14.51 11.26
C GLY A 129 -2.28 -13.54 11.87
N THR A 130 -3.31 -14.07 12.54
CA THR A 130 -4.33 -13.24 13.18
C THR A 130 -3.73 -12.46 14.34
N ARG A 131 -3.75 -11.13 14.23
CA ARG A 131 -3.15 -10.28 15.25
C ARG A 131 -3.80 -8.91 15.38
N THR A 132 -3.50 -8.24 16.50
CA THR A 132 -3.95 -6.90 16.78
C THR A 132 -2.65 -6.10 16.63
N PHE A 133 -2.66 -5.05 15.84
CA PHE A 133 -1.47 -4.26 15.60
C PHE A 133 -1.84 -2.84 15.26
N GLN A 134 -0.85 -1.96 15.33
CA GLN A 134 -1.08 -0.55 15.01
C GLN A 134 -0.92 -0.29 13.53
N GLN A 135 -1.57 0.77 13.06
CA GLN A 135 -1.52 1.18 11.67
C GLN A 135 -1.00 2.60 11.62
N PHE A 136 -0.02 2.85 10.75
CA PHE A 136 0.55 4.18 10.58
C PHE A 136 0.03 4.73 9.26
N TRP A 137 -0.56 5.91 9.29
CA TRP A 137 -1.11 6.50 8.08
C TRP A 137 -0.59 7.89 7.73
N SER A 138 -0.32 8.06 6.44
CA SER A 138 0.07 9.33 5.84
C SER A 138 -0.99 9.45 4.75
N VAL A 139 -1.89 10.41 4.88
CA VAL A 139 -2.94 10.56 3.88
C VAL A 139 -2.84 11.92 3.20
N ARG A 140 -2.58 11.90 1.90
CA ARG A 140 -2.44 13.13 1.15
C ARG A 140 -3.74 13.94 1.22
N GLN A 141 -3.61 15.26 1.25
CA GLN A 141 -4.78 16.14 1.34
C GLN A 141 -5.44 16.30 -0.02
N GLN A 142 -4.65 16.10 -1.07
CA GLN A 142 -5.12 16.20 -2.45
C GLN A 142 -4.89 14.86 -3.16
N LYS A 143 -5.98 14.20 -3.56
CA LYS A 143 -5.84 12.93 -4.26
C LYS A 143 -5.00 13.10 -5.52
N ARG A 144 -4.25 12.07 -5.89
CA ARG A 144 -3.44 12.10 -7.10
C ARG A 144 -3.18 10.66 -7.54
N THR A 145 -2.91 10.47 -8.83
CA THR A 145 -2.68 9.12 -9.33
C THR A 145 -1.35 8.91 -10.04
N SER A 146 -0.40 9.82 -9.81
CA SER A 146 0.93 9.71 -10.37
C SER A 146 1.85 10.66 -9.62
N GLY A 147 3.14 10.35 -9.62
CA GLY A 147 4.09 11.21 -8.94
C GLY A 147 5.18 10.42 -8.25
N THR A 148 5.91 11.11 -7.37
CA THR A 148 7.01 10.49 -6.64
C THR A 148 6.69 10.45 -5.14
N ILE A 149 7.19 9.41 -4.48
CA ILE A 149 7.00 9.27 -3.04
C ILE A 149 8.35 9.02 -2.41
N THR A 150 8.86 9.99 -1.67
CA THR A 150 10.13 9.86 -0.98
C THR A 150 9.75 9.25 0.37
N ILE A 151 9.62 7.92 0.37
CA ILE A 151 9.20 7.18 1.56
C ILE A 151 9.94 7.57 2.83
N GLY A 152 11.23 7.87 2.71
CA GLY A 152 12.02 8.27 3.86
C GLY A 152 11.46 9.44 4.63
N ASN A 153 10.88 10.41 3.94
CA ASN A 153 10.31 11.57 4.62
C ASN A 153 9.12 11.21 5.48
N HIS A 154 8.38 10.18 5.08
CA HIS A 154 7.23 9.73 5.84
C HIS A 154 7.70 9.00 7.11
N PHE A 155 8.68 8.12 6.95
CA PHE A 155 9.21 7.39 8.10
C PHE A 155 9.71 8.37 9.13
N ASP A 156 10.43 9.40 8.68
CA ASP A 156 10.96 10.42 9.58
C ASP A 156 9.83 11.15 10.29
N ALA A 157 8.80 11.55 9.54
CA ALA A 157 7.65 12.24 10.11
C ALA A 157 6.96 11.37 11.16
N TRP A 158 6.72 10.10 10.82
CA TRP A 158 6.07 9.19 11.77
C TRP A 158 6.89 9.08 13.05
N ALA A 159 8.20 8.87 12.89
CA ALA A 159 9.10 8.74 14.02
C ALA A 159 8.98 9.96 14.95
N ARG A 160 9.05 11.15 14.37
CA ARG A 160 8.97 12.38 15.15
C ARG A 160 7.62 12.53 15.85
N ALA A 161 6.66 11.68 15.49
CA ALA A 161 5.32 11.72 16.10
C ALA A 161 5.13 10.58 17.09
N GLY A 162 6.22 9.88 17.42
CA GLY A 162 6.15 8.78 18.35
C GLY A 162 5.67 7.47 17.75
N MET A 163 5.62 7.41 16.43
CA MET A 163 5.17 6.22 15.72
C MET A 163 6.40 5.47 15.22
N ASN A 164 6.87 4.52 16.03
CA ASN A 164 8.06 3.75 15.73
C ASN A 164 7.86 2.47 14.91
N LEU A 165 8.58 2.38 13.80
CA LEU A 165 8.51 1.22 12.92
C LEU A 165 9.39 0.09 13.44
N GLY A 166 9.14 -1.13 12.98
CA GLY A 166 9.95 -2.27 13.40
C GLY A 166 10.88 -2.65 12.26
N SER A 167 11.17 -3.95 12.13
CA SER A 167 12.03 -4.44 11.07
C SER A 167 11.17 -4.60 9.80
N HIS A 168 11.57 -3.91 8.74
CA HIS A 168 10.81 -3.94 7.50
C HIS A 168 10.63 -5.28 6.79
N ASP A 169 9.39 -5.53 6.37
CA ASP A 169 9.07 -6.72 5.61
C ASP A 169 8.76 -6.17 4.22
N TYR A 170 7.75 -6.71 3.52
CA TYR A 170 7.47 -6.21 2.18
C TYR A 170 6.94 -4.80 2.05
N GLN A 171 7.19 -4.20 0.89
CA GLN A 171 6.81 -2.83 0.59
C GLN A 171 6.34 -2.76 -0.86
N ILE A 172 5.08 -2.39 -1.05
CA ILE A 172 4.51 -2.31 -2.39
C ILE A 172 3.58 -1.12 -2.64
N MET A 173 3.43 -0.78 -3.91
CA MET A 173 2.52 0.28 -4.33
C MET A 173 1.26 -0.56 -4.56
N ALA A 174 0.32 -0.48 -3.63
CA ALA A 174 -0.88 -1.30 -3.71
C ALA A 174 -2.23 -0.67 -3.95
N THR A 175 -3.16 -1.55 -4.28
CA THR A 175 -4.55 -1.20 -4.48
C THR A 175 -5.24 -2.03 -3.41
N GLU A 176 -6.04 -1.38 -2.57
CA GLU A 176 -6.76 -2.09 -1.53
C GLU A 176 -8.23 -1.70 -1.62
N GLY A 177 -9.10 -2.69 -1.47
CA GLY A 177 -10.53 -2.42 -1.52
C GLY A 177 -11.21 -3.01 -0.31
N TYR A 178 -12.39 -2.48 0.01
CA TYR A 178 -13.14 -2.97 1.14
C TYR A 178 -14.64 -2.83 0.87
N GLN A 179 -15.29 -3.97 0.65
CA GLN A 179 -16.72 -4.03 0.39
C GLN A 179 -17.12 -2.98 -0.64
N SER A 180 -16.44 -3.05 -1.77
CA SER A 180 -16.67 -2.12 -2.86
C SER A 180 -16.36 -2.81 -4.18
N SER A 181 -16.29 -2.03 -5.25
CA SER A 181 -15.98 -2.56 -6.57
C SER A 181 -15.05 -1.58 -7.25
N GLY A 182 -14.50 -1.97 -8.40
CA GLY A 182 -13.61 -1.09 -9.11
C GLY A 182 -12.49 -1.79 -9.87
N SER A 183 -11.51 -1.02 -10.29
CA SER A 183 -10.38 -1.56 -11.02
C SER A 183 -9.22 -0.59 -10.92
N SER A 184 -8.04 -1.07 -11.27
CA SER A 184 -6.87 -0.22 -11.25
C SER A 184 -5.78 -0.83 -12.11
N THR A 185 -4.86 0.02 -12.53
CA THR A 185 -3.71 -0.39 -13.32
C THR A 185 -2.65 0.52 -12.72
N VAL A 186 -1.60 -0.10 -12.18
CA VAL A 186 -0.55 0.65 -11.52
C VAL A 186 0.82 0.31 -12.06
N SER A 187 1.63 1.33 -12.26
CA SER A 187 2.98 1.16 -12.76
C SER A 187 3.92 1.84 -11.76
N ILE A 188 4.84 1.06 -11.20
CA ILE A 188 5.77 1.63 -10.23
C ILE A 188 7.22 1.25 -10.51
N SER A 189 8.14 2.03 -9.96
CA SER A 189 9.55 1.76 -10.14
C SER A 189 10.36 2.63 -9.19
N GLU A 190 11.62 2.26 -9.04
CA GLU A 190 12.54 2.98 -8.18
C GLU A 190 13.48 3.79 -9.05
N GLY A 191 14.02 4.88 -8.50
CA GLY A 191 14.93 5.71 -9.27
C GLY A 191 16.23 5.00 -9.58
N GLY A 192 16.55 4.90 -10.86
CA GLY A 192 17.78 4.26 -11.28
C GLY A 192 17.75 2.74 -11.27
N ASN A 193 18.88 2.14 -10.92
CA ASN A 193 19.00 0.68 -10.86
C ASN A 193 20.03 0.30 -9.78
N PRO A 194 19.73 0.64 -8.51
CA PRO A 194 20.61 0.34 -7.38
C PRO A 194 20.61 -1.10 -6.89
N GLY A 195 19.50 -1.80 -7.11
CA GLY A 195 19.40 -3.17 -6.65
C GLY A 195 18.75 -3.17 -5.28
N ASN A 196 18.71 -4.33 -4.62
CA ASN A 196 18.09 -4.42 -3.31
C ASN A 196 19.05 -4.82 -2.19
N PRO A 197 19.19 -3.97 -1.16
CA PRO A 197 20.06 -4.20 -0.01
C PRO A 197 19.80 -5.54 0.68
C1 NAG B . -6.41 -16.16 1.84
C2 NAG B . -7.75 -16.76 1.42
C3 NAG B . -8.88 -16.37 2.37
C4 NAG B . -8.49 -16.44 3.85
C5 NAG B . -7.11 -15.84 4.07
C6 NAG B . -6.60 -15.96 5.49
C7 NAG B . -8.33 -17.14 -0.88
C8 NAG B . -8.67 -16.55 -2.24
N2 NAG B . -8.07 -16.28 0.09
O3 NAG B . -10.00 -17.21 2.13
O4 NAG B . -9.44 -15.70 4.62
O5 NAG B . -6.15 -16.47 3.22
O6 NAG B . -5.69 -14.92 5.81
O7 NAG B . -8.33 -18.36 -0.72
C1 NAG B . -10.56 -16.37 5.07
C2 NAG B . -11.13 -15.65 6.30
C3 NAG B . -12.42 -16.34 6.75
C4 NAG B . -13.41 -16.53 5.59
C5 NAG B . -12.70 -17.12 4.35
C6 NAG B . -13.58 -17.12 3.13
C7 NAG B . -9.40 -14.58 7.60
C8 NAG B . -8.10 -14.81 8.34
N2 NAG B . -10.17 -15.66 7.38
O3 NAG B . -13.03 -15.54 7.76
O4 NAG B . -14.47 -17.42 5.98
O5 NAG B . -11.53 -16.35 4.03
O6 NAG B . -13.02 -17.93 2.11
O7 NAG B . -9.71 -13.45 7.24
C1 BMA B . -15.64 -16.84 6.43
C2 BMA B . -16.81 -17.79 6.19
C3 BMA B . -18.11 -17.20 6.79
C4 BMA B . -17.90 -16.80 8.26
C5 BMA B . -16.65 -15.91 8.40
C6 BMA B . -16.32 -15.58 9.84
O2 BMA B . -16.54 -19.05 6.78
O3 BMA B . -19.15 -18.16 6.70
O4 BMA B . -19.03 -16.10 8.72
O5 BMA B . -15.50 -16.57 7.83
O6 BMA B . -15.25 -14.60 9.89
C1 MAN B . -14.85 -14.31 11.20
C2 MAN B . -14.03 -13.02 11.23
C3 MAN B . -12.65 -13.24 10.61
C4 MAN B . -11.94 -14.42 11.29
C5 MAN B . -12.84 -15.67 11.22
C6 MAN B . -12.25 -16.85 11.97
O2 MAN B . -13.88 -12.57 12.57
O3 MAN B . -11.86 -12.06 10.76
O4 MAN B . -10.70 -14.68 10.63
O5 MAN B . -14.12 -15.39 11.81
O6 MAN B . -10.94 -17.17 11.50
C ACT C . 5.91 0.10 -16.93
O ACT C . 4.75 0.08 -17.38
OXT ACT C . 6.51 -0.91 -16.52
CH3 ACT C . 6.66 1.43 -16.88
C1 GOL D . -1.23 -10.18 3.62
O1 GOL D . 0.04 -9.84 3.12
C2 GOL D . -1.89 -8.99 4.31
O2 GOL D . -2.08 -7.93 3.36
C3 GOL D . -3.21 -9.37 4.95
O3 GOL D . -3.85 -8.24 5.52
#